data_6W1G
#
_entry.id   6W1G
#
_cell.length_a   42.449
_cell.length_b   100.746
_cell.length_c   104.765
_cell.angle_alpha   90.000
_cell.angle_beta   90.000
_cell.angle_gamma   90.000
#
_symmetry.space_group_name_H-M   'P 21 21 21'
#
loop_
_entity.id
_entity.type
_entity.pdbx_description
1 polymer 'Hydroxyglutarate synthase'
2 non-polymer 'NICKEL (II) ION'
3 water water
#
_entity_poly.entity_id   1
_entity_poly.type   'polypeptide(L)'
_entity_poly.pdbx_seq_one_letter_code
;MPANDFVSPDSIRAQFSAAMSLMYKQEVPLYGTLLELVSEINQQVMAQQPEVAEALRWTGEIERLDQERHGAIRVGTAEE
LATIARLFAVMGMQPVGYYDLSSAGVPVHSTAFRAVHEQSLHVSPFRVFTSLLRLELIDNPQLRELAQSILAKRQIFTSR
ALELIAQCEREGGLDAADAETFVQEALHTFRWHQDATVTAEQYQQLHDQHRLIADVVAFKGPHINHLTPRTLDIDAIQLG
MPAKGIPPKAVVEGPPTRRHPILLRQTSFKALQETVAFRDQQGREGSHTARFGEIEQRGAALTPKGRQLYDKLLDATRVA
LGGAPAEANAERYMALLQANFAEFPDDLAQMREQGLAYFRYFATEKGLAARDQEGRPTTLQGLIDAGHVHFEALVYEDFL
PVSAAGIFQSNLGDDAQAEYGSNANREAFEAALGLQVQDELALYAQSERRSLQACAQALNLGSM
;
_entity_poly.pdbx_strand_id   A
#
loop_
_chem_comp.id
_chem_comp.type
_chem_comp.name
_chem_comp.formula
NI non-polymer 'NICKEL (II) ION' 'Ni 2'
#
# COMPACT_ATOMS: atom_id res chain seq x y z
N ALA A 3 24.40 -23.42 2.07
CA ALA A 3 24.66 -22.44 3.13
C ALA A 3 23.91 -22.84 4.40
N ASN A 4 22.59 -22.76 4.35
CA ASN A 4 21.74 -23.06 5.50
C ASN A 4 20.39 -23.48 4.95
N ASP A 5 19.48 -23.81 5.86
CA ASP A 5 18.13 -24.21 5.48
C ASP A 5 17.11 -23.14 5.79
N PHE A 6 17.54 -21.89 5.89
CA PHE A 6 16.58 -20.84 6.16
C PHE A 6 15.71 -20.61 4.93
N VAL A 7 14.45 -20.28 5.17
CA VAL A 7 13.51 -19.94 4.09
C VAL A 7 13.71 -18.47 3.72
N SER A 8 13.36 -18.13 2.50
CA SER A 8 13.56 -16.76 2.07
C SER A 8 12.62 -15.85 2.85
N PRO A 9 13.07 -14.64 3.21
CA PRO A 9 12.13 -13.69 3.79
C PRO A 9 10.93 -13.42 2.90
N ASP A 10 11.12 -13.44 1.57
CA ASP A 10 9.98 -13.22 0.67
C ASP A 10 8.91 -14.29 0.83
N SER A 11 9.33 -15.54 1.07
CA SER A 11 8.36 -16.62 1.27
C SER A 11 7.61 -16.44 2.57
N ILE A 12 8.29 -16.00 3.63
CA ILE A 12 7.60 -15.72 4.88
C ILE A 12 6.57 -14.61 4.68
N ARG A 13 6.94 -13.54 3.94
CA ARG A 13 6.00 -12.46 3.67
C ARG A 13 4.77 -12.98 2.93
N ALA A 14 4.96 -13.83 1.92
CA ALA A 14 3.78 -14.35 1.19
C ALA A 14 2.89 -15.16 2.11
N GLN A 15 3.50 -15.98 2.96
CA GLN A 15 2.73 -16.78 3.91
C GLN A 15 1.99 -15.92 4.92
N PHE A 16 2.64 -14.86 5.40
CA PHE A 16 2.01 -13.95 6.35
C PHE A 16 0.84 -13.22 5.71
N SER A 17 1.02 -12.71 4.48
CA SER A 17 -0.07 -12.04 3.79
C SER A 17 -1.26 -12.97 3.65
N ALA A 18 -1.00 -14.23 3.24
CA ALA A 18 -2.09 -15.18 3.06
C ALA A 18 -2.79 -15.50 4.37
N ALA A 19 -2.01 -15.65 5.45
CA ALA A 19 -2.62 -15.93 6.76
C ALA A 19 -3.41 -14.74 7.26
N MET A 20 -2.92 -13.53 7.04
CA MET A 20 -3.66 -12.33 7.43
CA MET A 20 -3.67 -12.36 7.43
C MET A 20 -4.98 -12.27 6.67
N SER A 21 -4.95 -12.58 5.38
CA SER A 21 -6.17 -12.53 4.59
C SER A 21 -7.20 -13.53 5.09
N LEU A 22 -6.78 -14.74 5.39
CA LEU A 22 -7.72 -15.72 5.91
C LEU A 22 -8.28 -15.29 7.26
N MET A 23 -7.44 -14.76 8.14
CA MET A 23 -7.90 -14.31 9.45
CA MET A 23 -7.90 -14.32 9.44
C MET A 23 -8.91 -13.19 9.30
N TYR A 24 -8.59 -12.19 8.47
CA TYR A 24 -9.46 -11.05 8.29
C TYR A 24 -10.78 -11.47 7.67
N LYS A 25 -10.75 -12.41 6.74
CA LYS A 25 -11.99 -12.88 6.12
C LYS A 25 -12.89 -13.51 7.16
N GLN A 26 -12.35 -14.25 8.11
CA GLN A 26 -13.15 -14.82 9.19
C GLN A 26 -13.74 -13.71 10.06
N GLU A 27 -12.98 -12.69 10.34
CA GLU A 27 -13.46 -11.58 11.15
C GLU A 27 -14.49 -10.72 10.43
N VAL A 28 -14.32 -10.53 9.13
CA VAL A 28 -15.06 -9.56 8.32
C VAL A 28 -15.54 -10.27 7.07
N PRO A 29 -16.70 -10.94 7.10
CA PRO A 29 -17.13 -11.75 5.94
C PRO A 29 -17.24 -10.97 4.65
N LEU A 30 -17.61 -9.69 4.69
CA LEU A 30 -17.75 -8.92 3.45
C LEU A 30 -16.43 -8.72 2.73
N TYR A 31 -15.30 -8.88 3.42
CA TYR A 31 -14.01 -8.92 2.73
C TYR A 31 -13.92 -10.13 1.81
N GLY A 32 -14.41 -11.29 2.24
CA GLY A 32 -14.48 -12.41 1.34
C GLY A 32 -15.36 -12.15 0.13
N THR A 33 -16.51 -11.49 0.34
CA THR A 33 -17.35 -11.08 -0.79
C THR A 33 -16.58 -10.18 -1.73
N LEU A 34 -15.86 -9.21 -1.19
CA LEU A 34 -15.05 -8.34 -2.05
C LEU A 34 -14.03 -9.14 -2.85
N LEU A 35 -13.35 -10.09 -2.22
CA LEU A 35 -12.36 -10.87 -2.94
C LEU A 35 -12.96 -11.61 -4.12
N GLU A 36 -14.18 -12.15 -3.96
CA GLU A 36 -14.82 -12.83 -5.08
C GLU A 36 -15.09 -11.87 -6.22
N LEU A 37 -15.52 -10.66 -5.89
CA LEU A 37 -15.79 -9.66 -6.91
C LEU A 37 -14.50 -9.23 -7.60
N VAL A 38 -13.42 -9.08 -6.84
CA VAL A 38 -12.13 -8.69 -7.42
C VAL A 38 -11.65 -9.73 -8.42
N SER A 39 -11.77 -11.00 -8.06
CA SER A 39 -11.32 -12.05 -8.97
C SER A 39 -12.11 -12.00 -10.27
N GLU A 40 -13.42 -11.81 -10.17
CA GLU A 40 -14.24 -11.75 -11.39
C GLU A 40 -13.90 -10.55 -12.24
N ILE A 41 -13.79 -9.37 -11.64
CA ILE A 41 -13.42 -8.17 -12.39
C ILE A 41 -12.07 -8.32 -13.08
N ASN A 42 -11.07 -8.86 -12.35
CA ASN A 42 -9.73 -8.95 -12.91
C ASN A 42 -9.71 -9.92 -14.08
N GLN A 43 -10.46 -11.01 -13.98
CA GLN A 43 -10.53 -11.95 -15.08
C GLN A 43 -11.18 -11.32 -16.30
N GLN A 44 -12.24 -10.54 -16.09
CA GLN A 44 -12.88 -9.84 -17.20
C GLN A 44 -11.92 -8.88 -17.88
N VAL A 45 -11.16 -8.10 -17.11
CA VAL A 45 -10.24 -7.15 -17.73
C VAL A 45 -9.23 -7.89 -18.58
N MET A 46 -8.66 -8.96 -18.04
CA MET A 46 -7.63 -9.65 -18.79
C MET A 46 -8.19 -10.26 -20.07
N ALA A 47 -9.44 -10.70 -20.03
CA ALA A 47 -10.03 -11.32 -21.21
C ALA A 47 -10.41 -10.26 -22.25
N GLN A 48 -10.85 -9.09 -21.80
CA GLN A 48 -11.36 -8.05 -22.67
C GLN A 48 -10.30 -7.08 -23.15
N GLN A 49 -9.15 -7.01 -22.50
CA GLN A 49 -8.12 -6.02 -22.79
C GLN A 49 -6.77 -6.66 -22.97
N PRO A 50 -6.47 -7.13 -24.18
CA PRO A 50 -5.20 -7.82 -24.41
C PRO A 50 -3.99 -6.99 -24.09
N GLU A 51 -4.06 -5.66 -24.20
CA GLU A 51 -2.90 -4.85 -23.86
C GLU A 51 -2.60 -4.89 -22.37
N VAL A 52 -3.65 -4.95 -21.53
CA VAL A 52 -3.46 -5.11 -20.09
C VAL A 52 -2.88 -6.48 -19.78
N ALA A 53 -3.44 -7.53 -20.38
CA ALA A 53 -2.90 -8.86 -20.18
C ALA A 53 -1.41 -8.91 -20.54
N GLU A 54 -1.05 -8.31 -21.68
CA GLU A 54 0.35 -8.30 -22.09
C GLU A 54 1.20 -7.51 -21.11
N ALA A 55 0.75 -6.34 -20.67
CA ALA A 55 1.51 -5.55 -19.73
C ALA A 55 1.84 -6.36 -18.48
N LEU A 56 0.83 -7.06 -17.94
CA LEU A 56 1.05 -7.82 -16.73
C LEU A 56 1.93 -9.03 -16.97
N ARG A 57 1.93 -9.58 -18.17
CA ARG A 57 2.86 -10.66 -18.50
C ARG A 57 4.30 -10.14 -18.58
N TRP A 58 4.53 -9.02 -19.29
CA TRP A 58 5.88 -8.50 -19.42
C TRP A 58 6.50 -8.30 -18.05
N THR A 59 5.76 -7.68 -17.13
CA THR A 59 6.35 -7.26 -15.87
C THR A 59 6.33 -8.35 -14.82
N GLY A 60 5.67 -9.45 -15.11
CA GLY A 60 5.48 -10.52 -14.16
C GLY A 60 4.40 -10.28 -13.16
N GLU A 61 3.74 -9.12 -13.18
CA GLU A 61 2.71 -8.86 -12.20
C GLU A 61 1.53 -9.84 -12.31
N ILE A 62 1.34 -10.47 -13.49
CA ILE A 62 0.27 -11.46 -13.61
C ILE A 62 0.40 -12.52 -12.54
N GLU A 63 1.61 -12.88 -12.16
CA GLU A 63 1.79 -13.95 -11.17
C GLU A 63 1.57 -13.49 -9.73
N ARG A 64 1.66 -12.21 -9.44
CA ARG A 64 1.52 -11.69 -8.07
C ARG A 64 0.13 -11.13 -7.82
N LEU A 65 -0.64 -10.87 -8.88
CA LEU A 65 -1.86 -10.06 -8.77
C LEU A 65 -2.90 -10.69 -7.85
N ASP A 66 -3.14 -11.99 -7.97
CA ASP A 66 -4.27 -12.58 -7.29
C ASP A 66 -4.16 -12.48 -5.78
N GLN A 67 -2.97 -12.52 -5.23
CA GLN A 67 -2.76 -12.44 -3.79
C GLN A 67 -2.33 -11.06 -3.31
N GLU A 68 -2.23 -10.10 -4.19
CA GLU A 68 -1.66 -8.80 -3.87
C GLU A 68 -2.58 -8.01 -2.94
N ARG A 69 -2.03 -7.58 -1.81
CA ARG A 69 -2.79 -6.86 -0.80
C ARG A 69 -1.91 -5.86 -0.09
N HIS A 70 -2.57 -4.91 0.59
CA HIS A 70 -1.92 -4.14 1.64
C HIS A 70 -2.77 -4.20 2.91
N GLY A 71 -2.13 -4.14 4.07
CA GLY A 71 -2.82 -3.92 5.31
C GLY A 71 -2.52 -2.54 5.82
N ALA A 72 -3.35 -2.09 6.77
CA ALA A 72 -3.14 -0.83 7.45
C ALA A 72 -3.39 -1.06 8.93
N ILE A 73 -2.48 -0.55 9.76
CA ILE A 73 -2.52 -0.66 11.20
C ILE A 73 -2.07 0.66 11.80
N ARG A 74 -2.33 0.79 13.10
CA ARG A 74 -1.95 1.95 13.90
C ARG A 74 -1.33 1.47 15.19
N VAL A 75 -0.19 2.04 15.56
CA VAL A 75 0.46 1.75 16.83
C VAL A 75 0.49 3.02 17.67
N GLY A 76 0.78 2.87 18.95
CA GLY A 76 0.62 3.94 19.89
C GLY A 76 1.88 4.51 20.48
N THR A 77 3.00 3.81 20.39
CA THR A 77 4.23 4.27 21.03
C THR A 77 5.42 4.05 20.12
N ALA A 78 6.47 4.84 20.35
CA ALA A 78 7.71 4.69 19.63
C ALA A 78 8.26 3.26 19.74
N GLU A 79 8.20 2.68 20.95
CA GLU A 79 8.71 1.32 21.13
CA GLU A 79 8.72 1.32 21.11
C GLU A 79 7.93 0.32 20.27
N GLU A 80 6.59 0.51 20.16
CA GLU A 80 5.80 -0.35 19.29
C GLU A 80 6.22 -0.21 17.83
N LEU A 81 6.45 1.02 17.38
CA LEU A 81 6.88 1.23 16.00
C LEU A 81 8.24 0.60 15.73
N ALA A 82 9.18 0.81 16.63
CA ALA A 82 10.52 0.25 16.44
C ALA A 82 10.49 -1.26 16.42
N THR A 83 9.67 -1.86 17.30
CA THR A 83 9.62 -3.31 17.33
C THR A 83 8.91 -3.87 16.12
N ILE A 84 7.84 -3.19 15.68
CA ILE A 84 7.18 -3.68 14.49
C ILE A 84 8.06 -3.58 13.26
N ALA A 85 8.98 -2.61 13.18
CA ALA A 85 9.94 -2.61 12.09
C ALA A 85 10.79 -3.85 12.12
N ARG A 86 11.21 -4.29 13.32
CA ARG A 86 11.99 -5.52 13.43
C ARG A 86 11.19 -6.75 13.03
N LEU A 87 9.90 -6.79 13.42
CA LEU A 87 9.00 -7.86 13.01
C LEU A 87 8.90 -7.93 11.49
N PHE A 88 8.67 -6.79 10.85
CA PHE A 88 8.52 -6.79 9.41
C PHE A 88 9.84 -7.07 8.68
N ALA A 89 10.96 -6.76 9.29
CA ALA A 89 12.24 -7.07 8.67
C ALA A 89 12.47 -8.57 8.54
N VAL A 90 11.89 -9.38 9.44
CA VAL A 90 11.96 -10.84 9.30
C VAL A 90 11.40 -11.26 7.95
N MET A 91 10.41 -10.52 7.46
CA MET A 91 9.72 -10.79 6.21
C MET A 91 10.22 -9.93 5.05
N GLY A 92 11.42 -9.36 5.17
CA GLY A 92 11.97 -8.63 4.07
C GLY A 92 11.28 -7.31 3.78
N MET A 93 10.58 -6.75 4.77
CA MET A 93 9.83 -5.52 4.57
C MET A 93 10.56 -4.40 5.25
N GLN A 94 10.85 -3.35 4.59
CA GLN A 94 11.55 -2.18 5.05
C GLN A 94 10.63 -0.97 5.05
N PRO A 95 10.88 0.04 5.90
CA PRO A 95 10.02 1.24 5.89
C PRO A 95 10.31 2.14 4.70
N VAL A 96 9.28 2.42 3.92
CA VAL A 96 9.42 3.23 2.71
C VAL A 96 8.43 4.37 2.81
N GLY A 97 8.92 5.60 2.59
CA GLY A 97 8.07 6.76 2.54
C GLY A 97 7.67 7.30 3.89
N TYR A 98 7.13 8.51 3.88
CA TYR A 98 6.68 9.18 5.09
C TYR A 98 5.46 10.02 4.76
N TYR A 99 4.40 9.82 5.55
CA TYR A 99 3.09 10.42 5.31
C TYR A 99 2.68 11.10 6.59
N ASP A 100 2.62 12.41 6.61
CA ASP A 100 2.30 13.17 7.82
C ASP A 100 0.91 13.76 7.70
N LEU A 101 0.00 13.24 8.50
CA LEU A 101 -1.36 13.76 8.49
C LEU A 101 -1.60 14.87 9.51
N SER A 102 -0.58 15.26 10.29
CA SER A 102 -0.75 16.38 11.22
CA SER A 102 -0.75 16.37 11.22
C SER A 102 -1.29 17.61 10.51
N SER A 103 -0.94 17.79 9.24
CA SER A 103 -1.46 18.92 8.47
C SER A 103 -2.97 18.86 8.35
N ALA A 104 -3.52 17.69 8.06
CA ALA A 104 -4.94 17.51 7.81
C ALA A 104 -5.74 17.30 9.08
N GLY A 105 -5.16 17.56 10.25
CA GLY A 105 -5.87 17.47 11.51
C GLY A 105 -5.97 16.09 12.12
N VAL A 106 -5.43 15.07 11.47
CA VAL A 106 -5.44 13.70 12.01
C VAL A 106 -4.14 13.45 12.76
N PRO A 107 -4.19 13.03 14.03
CA PRO A 107 -2.97 12.98 14.86
C PRO A 107 -2.12 11.72 14.65
N VAL A 108 -1.73 11.47 13.40
CA VAL A 108 -0.86 10.36 13.07
C VAL A 108 0.19 10.78 12.04
N HIS A 109 1.29 10.01 12.00
CA HIS A 109 2.21 10.03 10.85
C HIS A 109 2.64 8.59 10.61
N SER A 110 3.05 8.30 9.37
CA SER A 110 3.07 6.92 8.92
C SER A 110 4.17 6.65 7.92
N THR A 111 4.46 5.34 7.78
CA THR A 111 5.31 4.81 6.72
C THR A 111 4.65 3.55 6.20
N ALA A 112 5.17 2.98 5.12
CA ALA A 112 4.70 1.67 4.70
C ALA A 112 5.88 0.69 4.68
N PHE A 113 5.68 -0.46 5.28
CA PHE A 113 6.68 -1.52 5.25
C PHE A 113 6.43 -2.39 4.02
N ARG A 114 7.46 -2.60 3.22
CA ARG A 114 7.33 -3.37 1.99
C ARG A 114 8.70 -3.83 1.55
N ALA A 115 8.73 -4.83 0.66
CA ALA A 115 9.96 -5.17 -0.05
C ALA A 115 10.23 -4.07 -1.07
N VAL A 116 11.47 -4.05 -1.54
CA VAL A 116 11.95 -2.92 -2.33
C VAL A 116 12.41 -3.27 -3.74
N HIS A 117 12.70 -4.50 -4.04
CA HIS A 117 13.30 -4.92 -5.30
C HIS A 117 12.20 -5.64 -6.08
N GLU A 118 12.14 -5.41 -7.39
CA GLU A 118 11.11 -6.02 -8.21
C GLU A 118 11.03 -7.53 -8.10
N GLN A 119 12.15 -8.23 -7.92
CA GLN A 119 12.05 -9.69 -7.83
C GLN A 119 11.43 -10.10 -6.50
N SER A 120 11.76 -9.40 -5.43
CA SER A 120 11.13 -9.66 -4.14
C SER A 120 9.63 -9.36 -4.21
N LEU A 121 9.28 -8.21 -4.80
CA LEU A 121 7.90 -7.79 -4.95
C LEU A 121 7.13 -8.80 -5.77
N HIS A 122 7.79 -9.43 -6.72
CA HIS A 122 7.16 -10.44 -7.54
C HIS A 122 6.71 -11.61 -6.71
N VAL A 123 7.56 -12.06 -5.79
CA VAL A 123 7.22 -13.16 -4.90
C VAL A 123 6.07 -12.75 -3.96
N SER A 124 6.13 -11.54 -3.42
CA SER A 124 5.01 -11.00 -2.64
C SER A 124 5.11 -9.50 -2.57
N PRO A 125 4.09 -8.76 -3.03
CA PRO A 125 4.12 -7.30 -2.93
C PRO A 125 3.38 -6.79 -1.69
N PHE A 126 3.18 -7.65 -0.70
CA PHE A 126 2.47 -7.23 0.51
C PHE A 126 3.12 -6.04 1.15
N ARG A 127 2.30 -5.09 1.57
CA ARG A 127 2.77 -3.90 2.30
C ARG A 127 1.88 -3.71 3.51
N VAL A 128 2.45 -3.10 4.56
CA VAL A 128 1.66 -2.72 5.72
C VAL A 128 1.88 -1.24 5.98
N PHE A 129 0.84 -0.44 5.71
CA PHE A 129 0.83 0.98 6.02
C PHE A 129 0.65 1.12 7.52
N THR A 130 1.63 1.72 8.19
CA THR A 130 1.74 1.71 9.65
C THR A 130 1.77 3.15 10.14
N SER A 131 0.76 3.50 10.95
CA SER A 131 0.66 4.84 11.51
C SER A 131 1.05 4.82 12.98
N LEU A 132 1.73 5.88 13.38
CA LEU A 132 2.03 6.11 14.78
C LEU A 132 1.20 7.29 15.27
N LEU A 133 0.39 7.04 16.30
CA LEU A 133 -0.39 8.07 16.95
C LEU A 133 0.52 9.10 17.61
N ARG A 134 0.19 10.38 17.47
CA ARG A 134 0.92 11.47 18.12
C ARG A 134 0.07 11.98 19.28
N LEU A 135 0.60 11.86 20.48
CA LEU A 135 -0.16 12.32 21.63
C LEU A 135 0.02 13.79 21.98
N GLU A 136 1.06 14.45 21.46
CA GLU A 136 1.29 15.84 21.83
C GLU A 136 0.15 16.73 21.36
N LEU A 137 -0.42 16.40 20.20
CA LEU A 137 -1.48 17.19 19.59
C LEU A 137 -2.77 17.13 20.38
N ILE A 138 -2.81 16.35 21.46
CA ILE A 138 -3.95 16.37 22.39
C ILE A 138 -3.75 17.55 23.35
N ASP A 139 -4.70 18.48 23.35
CA ASP A 139 -4.61 19.69 24.16
C ASP A 139 -5.44 19.62 25.42
N ASN A 140 -5.94 18.45 25.80
CA ASN A 140 -6.56 18.26 27.10
C ASN A 140 -5.60 17.42 27.92
N PRO A 141 -4.80 18.02 28.81
CA PRO A 141 -3.72 17.26 29.45
C PRO A 141 -4.14 15.97 30.13
N GLN A 142 -5.32 15.92 30.78
CA GLN A 142 -5.69 14.69 31.47
C GLN A 142 -5.95 13.56 30.48
N LEU A 143 -6.48 13.90 29.30
CA LEU A 143 -6.73 12.90 28.27
C LEU A 143 -5.43 12.36 27.70
N ARG A 144 -4.43 13.21 27.52
CA ARG A 144 -3.09 12.79 27.04
C ARG A 144 -2.47 11.85 28.07
N GLU A 145 -2.56 12.20 29.35
CA GLU A 145 -2.01 11.35 30.41
C GLU A 145 -2.71 10.00 30.45
N LEU A 146 -4.03 9.97 30.30
CA LEU A 146 -4.73 8.68 30.30
C LEU A 146 -4.21 7.84 29.14
N ALA A 147 -4.21 8.40 27.93
CA ALA A 147 -3.73 7.65 26.77
C ALA A 147 -2.31 7.15 26.97
N GLN A 148 -1.42 8.03 27.46
CA GLN A 148 -0.04 7.61 27.66
C GLN A 148 0.05 6.45 28.65
N SER A 149 -0.74 6.52 29.75
CA SER A 149 -0.61 5.46 30.74
C SER A 149 -1.14 4.14 30.20
N ILE A 150 -2.27 4.16 29.47
CA ILE A 150 -2.81 2.92 28.94
C ILE A 150 -1.85 2.30 27.95
N LEU A 151 -1.31 3.13 27.04
CA LEU A 151 -0.41 2.63 26.02
C LEU A 151 0.91 2.16 26.62
N ALA A 152 1.35 2.83 27.67
CA ALA A 152 2.68 2.56 28.19
C ALA A 152 2.80 1.11 28.65
N LYS A 153 1.74 0.58 29.26
CA LYS A 153 1.83 -0.73 29.89
C LYS A 153 1.33 -1.88 29.04
N ARG A 154 0.71 -1.64 27.89
CA ARG A 154 0.29 -2.77 27.08
C ARG A 154 1.49 -3.42 26.40
N GLN A 155 1.34 -4.71 26.08
CA GLN A 155 2.36 -5.48 25.37
C GLN A 155 1.73 -6.13 24.15
N ILE A 156 1.90 -5.52 22.98
CA ILE A 156 1.18 -5.99 21.79
C ILE A 156 1.81 -7.18 21.10
N PHE A 157 3.03 -7.57 21.42
CA PHE A 157 3.71 -8.69 20.81
C PHE A 157 3.78 -9.86 21.78
N THR A 158 3.55 -11.07 21.28
CA THR A 158 3.74 -12.23 22.12
C THR A 158 5.22 -12.43 22.40
N SER A 159 5.50 -13.04 23.54
CA SER A 159 6.88 -13.33 23.88
C SER A 159 7.53 -14.23 22.83
N ARG A 160 6.78 -15.20 22.30
CA ARG A 160 7.35 -16.09 21.30
C ARG A 160 7.69 -15.30 20.02
N ALA A 161 6.83 -14.36 19.62
CA ALA A 161 7.19 -13.53 18.45
C ALA A 161 8.50 -12.81 18.68
N LEU A 162 8.65 -12.19 19.86
CA LEU A 162 9.86 -11.44 20.16
C LEU A 162 11.09 -12.36 20.16
N GLU A 163 10.94 -13.58 20.66
CA GLU A 163 12.04 -14.53 20.64
C GLU A 163 12.46 -14.84 19.22
N LEU A 164 11.47 -15.06 18.33
CA LEU A 164 11.81 -15.48 16.97
C LEU A 164 12.37 -14.30 16.16
N ILE A 165 11.95 -13.08 16.44
CA ILE A 165 12.59 -11.90 15.83
C ILE A 165 14.05 -11.83 16.22
N ALA A 166 14.33 -12.00 17.52
CA ALA A 166 15.72 -11.95 18.01
C ALA A 166 16.54 -13.08 17.40
N GLN A 167 15.97 -14.28 17.34
CA GLN A 167 16.64 -15.42 16.77
C GLN A 167 16.98 -15.18 15.29
N CYS A 168 16.01 -14.66 14.54
CA CYS A 168 16.23 -14.37 13.12
C CYS A 168 17.41 -13.42 12.96
N GLU A 169 17.44 -12.36 13.78
CA GLU A 169 18.52 -11.37 13.66
C GLU A 169 19.86 -11.99 13.98
N ARG A 170 19.93 -12.79 15.05
CA ARG A 170 21.20 -13.31 15.52
C ARG A 170 21.76 -14.36 14.57
N GLU A 171 20.88 -15.18 13.99
CA GLU A 171 21.28 -16.33 13.22
C GLU A 171 21.28 -16.08 11.73
N GLY A 172 20.51 -15.08 11.27
CA GLY A 172 20.45 -14.73 9.86
C GLY A 172 19.26 -15.27 9.11
N GLY A 173 18.27 -15.80 9.78
CA GLY A 173 17.05 -16.27 9.17
C GLY A 173 16.38 -17.32 10.06
N LEU A 174 15.32 -17.91 9.52
CA LEU A 174 14.52 -18.91 10.17
C LEU A 174 14.31 -20.07 9.22
N ASP A 175 14.37 -21.29 9.73
CA ASP A 175 13.95 -22.48 8.95
C ASP A 175 12.44 -22.52 8.79
N ALA A 176 11.96 -23.51 8.03
CA ALA A 176 10.54 -23.54 7.68
C ALA A 176 9.65 -23.64 8.91
N ALA A 177 10.01 -24.52 9.85
CA ALA A 177 9.17 -24.69 11.03
C ALA A 177 9.13 -23.42 11.88
N ASP A 178 10.29 -22.78 12.10
CA ASP A 178 10.33 -21.56 12.89
C ASP A 178 9.63 -20.42 12.16
N ALA A 179 9.74 -20.38 10.82
CA ALA A 179 9.01 -19.35 10.07
C ALA A 179 7.51 -19.51 10.22
N GLU A 180 7.01 -20.76 10.16
CA GLU A 180 5.59 -21.00 10.38
C GLU A 180 5.14 -20.56 11.79
N THR A 181 5.96 -20.86 12.81
CA THR A 181 5.63 -20.42 14.15
C THR A 181 5.63 -18.90 14.20
N PHE A 182 6.62 -18.29 13.58
CA PHE A 182 6.70 -16.83 13.51
C PHE A 182 5.43 -16.22 12.92
N VAL A 183 4.96 -16.76 11.78
CA VAL A 183 3.78 -16.19 11.15
C VAL A 183 2.61 -16.26 12.10
N GLN A 184 2.44 -17.39 12.77
CA GLN A 184 1.29 -17.52 13.65
C GLN A 184 1.40 -16.58 14.84
N GLU A 185 2.60 -16.46 15.41
CA GLU A 185 2.76 -15.58 16.55
C GLU A 185 2.61 -14.13 16.18
N ALA A 186 3.17 -13.74 15.05
CA ALA A 186 3.03 -12.37 14.57
C ALA A 186 1.57 -12.02 14.32
N LEU A 187 0.81 -12.97 13.79
CA LEU A 187 -0.58 -12.69 13.45
C LEU A 187 -1.38 -12.30 14.69
N HIS A 188 -1.01 -12.84 15.86
CA HIS A 188 -1.76 -12.50 17.05
C HIS A 188 -1.78 -11.00 17.32
N THR A 189 -0.72 -10.29 16.90
CA THR A 189 -0.63 -8.86 17.13
C THR A 189 -1.78 -8.12 16.50
N PHE A 190 -2.31 -8.65 15.40
CA PHE A 190 -3.23 -7.94 14.52
C PHE A 190 -4.65 -8.45 14.57
N ARG A 191 -4.94 -9.37 15.47
CA ARG A 191 -6.29 -9.91 15.58
C ARG A 191 -7.22 -8.90 16.26
N TRP A 192 -8.51 -8.99 15.92
CA TRP A 192 -9.51 -8.18 16.58
C TRP A 192 -9.80 -8.72 17.98
N HIS A 193 -9.89 -7.83 18.97
CA HIS A 193 -10.29 -8.18 20.33
C HIS A 193 -11.41 -7.24 20.77
N GLN A 194 -12.58 -7.81 21.11
CA GLN A 194 -13.73 -6.95 21.44
C GLN A 194 -13.63 -6.32 22.83
N ASP A 195 -12.84 -6.89 23.73
CA ASP A 195 -12.78 -6.38 25.09
C ASP A 195 -11.83 -5.18 25.15
N ALA A 196 -12.39 -4.00 25.34
CA ALA A 196 -11.59 -2.79 25.47
C ALA A 196 -10.77 -2.81 26.77
N THR A 197 -9.74 -1.98 26.77
CA THR A 197 -8.84 -1.82 27.90
C THR A 197 -9.24 -0.66 28.80
N VAL A 198 -10.37 -0.01 28.52
CA VAL A 198 -10.78 1.20 29.19
C VAL A 198 -12.24 1.05 29.60
N THR A 199 -12.66 1.91 30.52
CA THR A 199 -14.06 2.00 30.89
C THR A 199 -14.84 2.71 29.78
N ALA A 200 -16.17 2.54 29.82
CA ALA A 200 -17.00 3.25 28.85
C ALA A 200 -16.77 4.75 28.93
N GLU A 201 -16.60 5.27 30.14
CA GLU A 201 -16.35 6.69 30.33
C GLU A 201 -15.05 7.10 29.64
N GLN A 202 -13.96 6.41 29.95
CA GLN A 202 -12.69 6.68 29.29
C GLN A 202 -12.80 6.54 27.78
N TYR A 203 -13.44 5.48 27.29
CA TYR A 203 -13.63 5.32 25.86
C TYR A 203 -14.34 6.52 25.27
N GLN A 204 -15.33 7.06 25.99
CA GLN A 204 -16.08 8.21 25.50
C GLN A 204 -15.18 9.43 25.36
N GLN A 205 -14.35 9.71 26.37
CA GLN A 205 -13.50 10.90 26.32
C GLN A 205 -12.47 10.77 25.22
N LEU A 206 -11.88 9.58 25.05
CA LEU A 206 -10.92 9.37 23.98
C LEU A 206 -11.59 9.53 22.61
N HIS A 207 -12.81 8.99 22.45
CA HIS A 207 -13.48 8.96 21.17
C HIS A 207 -13.92 10.34 20.70
N ASP A 208 -14.32 11.21 21.62
CA ASP A 208 -14.70 12.57 21.23
C ASP A 208 -13.49 13.44 20.93
N GLN A 209 -12.32 13.11 21.47
CA GLN A 209 -11.10 13.82 21.10
C GLN A 209 -10.76 13.54 19.64
N HIS A 210 -10.75 12.28 19.26
CA HIS A 210 -10.63 11.86 17.87
C HIS A 210 -10.94 10.38 17.82
N ARG A 211 -11.76 9.96 16.85
CA ARG A 211 -12.09 8.54 16.75
C ARG A 211 -10.83 7.69 16.68
N LEU A 212 -9.78 8.21 16.06
CA LEU A 212 -8.55 7.44 15.93
C LEU A 212 -7.86 7.23 17.27
N ILE A 213 -7.97 8.20 18.17
CA ILE A 213 -7.37 8.01 19.49
C ILE A 213 -8.01 6.84 20.23
N ALA A 214 -9.35 6.73 20.17
CA ALA A 214 -10.00 5.59 20.79
C ALA A 214 -9.63 4.28 20.11
N ASP A 215 -9.61 4.26 18.78
CA ASP A 215 -9.27 3.04 18.06
C ASP A 215 -7.92 2.48 18.49
N VAL A 216 -6.96 3.36 18.78
CA VAL A 216 -5.63 2.93 19.21
C VAL A 216 -5.60 2.63 20.70
N VAL A 217 -6.05 3.57 21.51
CA VAL A 217 -5.83 3.45 22.94
C VAL A 217 -6.75 2.43 23.58
N ALA A 218 -7.98 2.31 23.08
CA ALA A 218 -8.97 1.52 23.78
C ALA A 218 -8.86 0.01 23.58
N PHE A 219 -8.05 -0.44 22.64
CA PHE A 219 -7.99 -1.86 22.29
C PHE A 219 -6.64 -2.45 22.67
N LYS A 220 -6.61 -3.77 22.71
CA LYS A 220 -5.46 -4.46 23.23
C LYS A 220 -4.24 -4.33 22.30
N GLY A 221 -4.47 -4.14 21.01
CA GLY A 221 -3.39 -4.08 20.06
C GLY A 221 -3.83 -3.52 18.73
N PRO A 222 -2.92 -3.52 17.76
CA PRO A 222 -3.17 -2.91 16.43
C PRO A 222 -3.94 -3.81 15.48
N HIS A 223 -5.23 -3.87 15.66
CA HIS A 223 -6.07 -4.69 14.79
C HIS A 223 -6.05 -4.12 13.38
N ILE A 224 -6.46 -4.95 12.43
CA ILE A 224 -6.40 -4.55 11.02
C ILE A 224 -7.40 -3.43 10.81
N ASN A 225 -6.92 -2.28 10.37
CA ASN A 225 -7.81 -1.18 10.01
CA ASN A 225 -7.84 -1.20 10.03
C ASN A 225 -8.47 -1.41 8.67
N HIS A 226 -7.73 -1.98 7.75
CA HIS A 226 -8.31 -2.56 6.53
C HIS A 226 -7.24 -3.45 5.91
N LEU A 227 -7.70 -4.34 5.05
CA LEU A 227 -6.88 -5.17 4.20
C LEU A 227 -7.43 -5.00 2.78
N THR A 228 -6.60 -4.51 1.88
CA THR A 228 -7.06 -4.01 0.58
C THR A 228 -6.51 -4.89 -0.53
N PRO A 229 -7.39 -5.53 -1.29
CA PRO A 229 -6.96 -6.26 -2.48
C PRO A 229 -6.78 -5.31 -3.65
N ARG A 230 -6.08 -5.80 -4.67
CA ARG A 230 -5.80 -5.06 -5.88
C ARG A 230 -6.71 -5.50 -7.02
N THR A 231 -7.46 -4.54 -7.56
CA THR A 231 -8.23 -4.78 -8.77
C THR A 231 -7.58 -4.10 -9.96
N LEU A 232 -7.83 -4.67 -11.14
CA LEU A 232 -7.42 -4.06 -12.39
C LEU A 232 -8.38 -2.97 -12.88
N ASP A 233 -9.56 -2.81 -12.28
CA ASP A 233 -10.52 -1.80 -12.77
C ASP A 233 -11.43 -1.36 -11.64
N ILE A 234 -11.07 -0.26 -10.97
CA ILE A 234 -11.86 0.19 -9.84
C ILE A 234 -13.21 0.72 -10.28
N ASP A 235 -13.33 1.24 -11.52
CA ASP A 235 -14.65 1.69 -11.94
C ASP A 235 -15.59 0.51 -12.06
N ALA A 236 -15.10 -0.59 -12.60
CA ALA A 236 -15.90 -1.79 -12.74
C ALA A 236 -16.27 -2.36 -11.38
N ILE A 237 -15.33 -2.36 -10.43
CA ILE A 237 -15.70 -2.93 -9.16
CA ILE A 237 -15.68 -2.92 -9.13
C ILE A 237 -16.77 -2.07 -8.49
N GLN A 238 -16.67 -0.74 -8.61
CA GLN A 238 -17.67 0.15 -8.01
CA GLN A 238 -17.68 0.14 -8.00
C GLN A 238 -19.07 -0.16 -8.55
N LEU A 239 -19.17 -0.52 -9.82
CA LEU A 239 -20.44 -0.86 -10.41
C LEU A 239 -20.99 -2.19 -9.90
N GLY A 240 -20.14 -3.09 -9.45
CA GLY A 240 -20.58 -4.35 -8.87
C GLY A 240 -20.81 -4.37 -7.36
N MET A 241 -20.31 -3.34 -6.61
CA MET A 241 -20.28 -3.31 -5.13
C MET A 241 -21.62 -3.01 -4.40
N PRO A 242 -22.37 -1.94 -4.73
N PRO A 242 -22.50 -2.15 -4.97
CA PRO A 242 -23.67 -1.77 -4.02
CA PRO A 242 -23.86 -2.03 -4.40
C PRO A 242 -24.48 -3.04 -4.02
C PRO A 242 -24.61 -3.36 -4.38
N ALA A 243 -24.45 -3.78 -5.14
N ALA A 243 -24.59 -4.10 -5.49
CA ALA A 243 -25.26 -4.99 -5.25
CA ALA A 243 -25.20 -5.42 -5.52
C ALA A 243 -24.92 -6.00 -4.15
C ALA A 243 -24.82 -6.29 -4.34
N LYS A 244 -23.64 -6.10 -3.79
CA LYS A 244 -23.13 -7.02 -2.78
C LYS A 244 -23.22 -6.45 -1.36
N GLY A 245 -23.87 -5.29 -1.17
CA GLY A 245 -24.03 -4.74 0.17
C GLY A 245 -22.84 -3.97 0.71
N ILE A 246 -21.92 -3.52 -0.15
CA ILE A 246 -20.77 -2.74 0.29
C ILE A 246 -20.73 -1.46 -0.55
N PRO A 247 -21.80 -0.65 -0.55
CA PRO A 247 -21.79 0.53 -1.43
C PRO A 247 -20.61 1.38 -1.06
N PRO A 248 -19.77 1.71 -2.01
CA PRO A 248 -18.58 2.49 -1.65
C PRO A 248 -18.88 3.97 -1.76
N LYS A 249 -17.95 4.74 -1.24
CA LYS A 249 -17.97 6.16 -1.51
C LYS A 249 -17.88 6.40 -3.00
N ALA A 250 -18.76 7.25 -3.51
CA ALA A 250 -18.73 7.60 -4.92
C ALA A 250 -17.46 8.35 -5.29
N VAL A 251 -16.93 9.18 -4.39
CA VAL A 251 -15.66 9.84 -4.65
C VAL A 251 -14.54 8.80 -4.60
N VAL A 252 -13.79 8.70 -5.66
CA VAL A 252 -12.63 7.84 -5.74
C VAL A 252 -11.40 8.71 -5.53
N GLU A 253 -10.54 8.33 -4.57
CA GLU A 253 -9.30 9.05 -4.38
C GLU A 253 -8.30 8.65 -5.43
N GLY A 254 -7.45 9.60 -5.82
CA GLY A 254 -6.44 9.42 -6.84
C GLY A 254 -6.81 10.12 -8.13
N PRO A 255 -6.05 9.86 -9.19
CA PRO A 255 -6.38 10.44 -10.50
C PRO A 255 -7.69 9.89 -11.02
N PRO A 256 -8.26 10.54 -12.05
CA PRO A 256 -9.42 9.97 -12.72
C PRO A 256 -9.06 8.77 -13.59
N THR A 257 -10.07 8.16 -14.18
CA THR A 257 -9.89 7.05 -15.11
C THR A 257 -8.95 7.47 -16.22
N ARG A 258 -8.00 6.59 -16.55
CA ARG A 258 -7.04 6.81 -17.60
C ARG A 258 -6.78 5.50 -18.32
N ARG A 259 -6.34 5.62 -19.58
CA ARG A 259 -5.84 4.45 -20.29
C ARG A 259 -4.57 3.90 -19.65
N HIS A 260 -3.71 4.79 -19.12
CA HIS A 260 -2.44 4.41 -18.50
C HIS A 260 -2.46 5.01 -17.12
N PRO A 261 -3.01 4.26 -16.15
CA PRO A 261 -3.16 4.78 -14.79
C PRO A 261 -1.84 5.20 -14.18
N ILE A 262 -1.93 6.13 -13.24
CA ILE A 262 -0.81 6.65 -12.49
C ILE A 262 -1.11 6.56 -11.00
N LEU A 263 -0.05 6.37 -10.20
CA LEU A 263 -0.18 6.22 -8.75
C LEU A 263 -1.18 5.14 -8.44
N LEU A 264 -2.25 5.42 -7.67
CA LEU A 264 -3.29 4.43 -7.42
C LEU A 264 -4.62 5.17 -7.34
N ARG A 265 -5.70 4.41 -7.42
CA ARG A 265 -7.04 4.88 -7.14
C ARG A 265 -7.62 4.02 -6.04
N GLN A 266 -8.41 4.62 -5.14
CA GLN A 266 -8.94 3.86 -4.02
C GLN A 266 -10.31 4.40 -3.58
N THR A 267 -11.12 3.52 -3.02
CA THR A 267 -12.34 3.97 -2.34
C THR A 267 -12.61 3.00 -1.19
N SER A 268 -13.59 3.34 -0.39
CA SER A 268 -13.86 2.68 0.88
C SER A 268 -15.33 2.34 1.02
N PHE A 269 -15.59 1.46 1.98
CA PHE A 269 -16.96 1.04 2.27
C PHE A 269 -17.05 0.58 3.72
N LYS A 270 -18.23 0.52 4.23
CA LYS A 270 -18.45 -0.02 5.56
C LYS A 270 -18.48 -1.53 5.45
N ALA A 271 -17.64 -2.19 6.23
CA ALA A 271 -17.50 -3.64 6.13
C ALA A 271 -18.19 -4.40 7.24
N LEU A 272 -18.23 -3.88 8.47
CA LEU A 272 -18.85 -4.62 9.57
C LEU A 272 -19.10 -3.66 10.73
N GLN A 273 -20.25 -3.80 11.40
CA GLN A 273 -20.48 -3.12 12.66
C GLN A 273 -20.04 -4.05 13.80
N GLU A 274 -19.03 -3.63 14.54
CA GLU A 274 -18.52 -4.43 15.66
C GLU A 274 -19.03 -3.87 16.98
N THR A 275 -18.98 -4.72 18.00
CA THR A 275 -19.34 -4.31 19.35
C THR A 275 -18.07 -4.24 20.16
N VAL A 276 -18.00 -3.24 21.03
CA VAL A 276 -16.89 -3.04 21.94
C VAL A 276 -17.42 -3.27 23.34
N ALA A 277 -16.73 -4.10 24.12
CA ALA A 277 -17.15 -4.40 25.48
C ALA A 277 -16.23 -3.75 26.50
N PHE A 278 -16.83 -3.13 27.52
CA PHE A 278 -16.07 -2.57 28.64
C PHE A 278 -16.27 -3.36 29.93
N SER A 287 -20.84 1.25 22.56
CA SER A 287 -20.37 -0.13 22.59
C SER A 287 -20.43 -0.73 21.19
N HIS A 288 -20.44 0.13 20.17
CA HIS A 288 -20.35 -0.31 18.78
C HIS A 288 -19.35 0.56 18.01
N THR A 289 -18.68 -0.07 17.03
CA THR A 289 -17.69 0.63 16.22
C THR A 289 -17.60 -0.02 14.86
N ALA A 290 -17.40 0.78 13.85
CA ALA A 290 -17.43 0.29 12.48
C ALA A 290 -16.06 -0.13 12.04
N ARG A 291 -16.02 -1.23 11.29
CA ARG A 291 -14.84 -1.64 10.55
C ARG A 291 -15.08 -1.31 9.09
N PHE A 292 -14.13 -0.62 8.48
CA PHE A 292 -14.25 -0.19 7.10
C PHE A 292 -13.29 -0.94 6.21
N GLY A 293 -13.71 -1.18 4.98
CA GLY A 293 -12.90 -1.82 3.98
C GLY A 293 -12.48 -0.83 2.91
N GLU A 294 -11.59 -1.31 2.04
CA GLU A 294 -11.00 -0.51 0.98
C GLU A 294 -10.73 -1.39 -0.23
N ILE A 295 -10.72 -0.75 -1.39
CA ILE A 295 -10.33 -1.38 -2.65
C ILE A 295 -9.41 -0.41 -3.38
N GLU A 296 -8.42 -0.94 -4.11
CA GLU A 296 -7.48 -0.09 -4.84
C GLU A 296 -7.13 -0.69 -6.19
N GLN A 297 -6.74 0.20 -7.09
CA GLN A 297 -6.21 -0.12 -8.39
C GLN A 297 -4.84 0.58 -8.47
N ARG A 298 -3.79 -0.13 -8.85
CA ARG A 298 -2.43 0.42 -8.84
C ARG A 298 -1.94 0.63 -10.25
N GLY A 299 -1.45 1.84 -10.51
CA GLY A 299 -0.90 2.24 -11.79
C GLY A 299 0.58 2.57 -11.71
N ALA A 300 1.03 3.47 -12.57
CA ALA A 300 2.45 3.75 -12.74
C ALA A 300 3.02 4.58 -11.61
N ALA A 301 4.23 4.20 -11.19
CA ALA A 301 5.02 5.04 -10.31
C ALA A 301 5.46 6.29 -11.07
N LEU A 302 5.38 7.44 -10.41
CA LEU A 302 5.74 8.74 -10.99
C LEU A 302 7.10 9.20 -10.52
N THR A 303 7.82 9.86 -11.43
CA THR A 303 9.06 10.53 -11.11
C THR A 303 8.74 11.79 -10.28
N PRO A 304 9.76 12.48 -9.78
CA PRO A 304 9.53 13.80 -9.15
C PRO A 304 8.77 14.75 -10.05
N LYS A 305 9.13 14.76 -11.33
CA LYS A 305 8.42 15.61 -12.28
C LYS A 305 6.96 15.22 -12.42
N GLY A 306 6.67 13.92 -12.56
CA GLY A 306 5.30 13.47 -12.66
C GLY A 306 4.52 13.77 -11.39
N ARG A 307 5.17 13.62 -10.23
CA ARG A 307 4.50 13.92 -8.96
C ARG A 307 4.14 15.40 -8.88
N GLN A 308 5.01 16.26 -9.36
CA GLN A 308 4.71 17.70 -9.38
C GLN A 308 3.50 18.00 -10.25
N LEU A 309 3.41 17.36 -11.41
CA LEU A 309 2.27 17.57 -12.29
C LEU A 309 0.98 17.04 -11.66
N TYR A 310 1.04 15.82 -11.10
CA TYR A 310 -0.09 15.25 -10.40
C TYR A 310 -0.60 16.20 -9.31
N ASP A 311 0.31 16.65 -8.46
CA ASP A 311 -0.11 17.49 -7.33
C ASP A 311 -0.76 18.76 -7.85
N LYS A 312 -0.22 19.33 -8.94
CA LYS A 312 -0.74 20.59 -9.47
C LYS A 312 -2.16 20.42 -9.97
N LEU A 313 -2.40 19.35 -10.71
CA LEU A 313 -3.73 19.14 -11.29
C LEU A 313 -4.74 18.75 -10.22
N LEU A 314 -4.31 17.98 -9.22
CA LEU A 314 -5.21 17.66 -8.12
C LEU A 314 -5.57 18.90 -7.34
N ASP A 315 -4.58 19.75 -7.03
CA ASP A 315 -4.86 21.02 -6.36
C ASP A 315 -5.84 21.89 -7.17
N ALA A 316 -5.67 21.94 -8.48
CA ALA A 316 -6.56 22.77 -9.30
C ALA A 316 -7.98 22.24 -9.27
N THR A 317 -8.14 20.92 -9.22
CA THR A 317 -9.46 20.33 -9.11
C THR A 317 -10.12 20.76 -7.83
N ARG A 318 -9.37 20.68 -6.72
CA ARG A 318 -9.93 21.07 -5.43
C ARG A 318 -10.30 22.55 -5.40
N VAL A 319 -9.48 23.42 -5.97
CA VAL A 319 -9.84 24.83 -6.02
C VAL A 319 -11.14 25.03 -6.79
N ALA A 320 -11.29 24.35 -7.92
CA ALA A 320 -12.47 24.51 -8.76
C ALA A 320 -13.70 23.96 -8.09
N LEU A 321 -13.51 23.05 -7.14
CA LEU A 321 -14.62 22.48 -6.41
C LEU A 321 -15.23 23.50 -5.49
N GLY A 322 -14.42 24.38 -4.91
CA GLY A 322 -14.91 25.39 -4.02
C GLY A 322 -15.19 24.91 -2.61
N GLY A 323 -14.71 23.73 -2.25
CA GLY A 323 -14.95 23.18 -0.94
C GLY A 323 -14.13 21.91 -0.76
N ALA A 324 -14.60 21.01 0.11
CA ALA A 324 -13.93 19.74 0.34
C ALA A 324 -14.62 18.63 -0.45
N PRO A 325 -13.87 17.78 -1.17
CA PRO A 325 -14.52 16.68 -1.90
C PRO A 325 -15.33 15.80 -0.95
N ALA A 326 -16.63 15.72 -1.20
CA ALA A 326 -17.53 14.96 -0.35
C ALA A 326 -18.49 14.19 -1.25
N GLU A 327 -19.24 13.28 -0.64
CA GLU A 327 -20.24 12.52 -1.39
C GLU A 327 -21.31 13.41 -1.98
N ALA A 328 -21.61 14.53 -1.33
CA ALA A 328 -22.69 15.38 -1.82
C ALA A 328 -22.34 16.03 -3.14
N ASN A 329 -21.05 16.27 -3.37
CA ASN A 329 -20.58 16.87 -4.61
C ASN A 329 -19.90 15.88 -5.54
N ALA A 330 -20.10 14.57 -5.33
CA ALA A 330 -19.25 13.55 -5.96
C ALA A 330 -19.28 13.63 -7.49
N GLU A 331 -20.48 13.76 -8.08
CA GLU A 331 -20.56 13.83 -9.54
C GLU A 331 -19.78 15.03 -10.07
N ARG A 332 -19.99 16.20 -9.45
CA ARG A 332 -19.28 17.40 -9.88
C ARG A 332 -17.77 17.26 -9.66
N TYR A 333 -17.36 16.71 -8.51
CA TYR A 333 -15.94 16.52 -8.25
C TYR A 333 -15.31 15.63 -9.31
N MET A 334 -15.94 14.49 -9.57
CA MET A 334 -15.36 13.56 -10.53
C MET A 334 -15.28 14.18 -11.93
N ALA A 335 -16.25 15.04 -12.28
CA ALA A 335 -16.22 15.74 -13.56
C ALA A 335 -15.06 16.75 -13.61
N LEU A 336 -14.87 17.51 -12.54
CA LEU A 336 -13.78 18.48 -12.50
C LEU A 336 -12.43 17.79 -12.50
N LEU A 337 -12.33 16.67 -11.81
CA LEU A 337 -11.09 15.91 -11.80
C LEU A 337 -10.70 15.47 -13.19
N GLN A 338 -11.64 14.90 -13.94
CA GLN A 338 -11.34 14.50 -15.31
C GLN A 338 -10.91 15.68 -16.15
N ALA A 339 -11.62 16.81 -16.04
CA ALA A 339 -11.28 17.96 -16.85
C ALA A 339 -9.87 18.45 -16.56
N ASN A 340 -9.50 18.55 -15.29
CA ASN A 340 -8.20 19.09 -14.93
C ASN A 340 -7.06 18.11 -15.26
N PHE A 341 -7.32 16.81 -15.22
CA PHE A 341 -6.24 15.84 -15.45
C PHE A 341 -6.06 15.54 -16.92
N ALA A 342 -6.88 16.16 -17.79
CA ALA A 342 -6.60 16.08 -19.23
C ALA A 342 -5.18 16.53 -19.57
N GLU A 343 -4.58 17.38 -18.75
CA GLU A 343 -3.22 17.89 -18.97
C GLU A 343 -2.12 16.88 -18.62
N PHE A 344 -2.46 15.78 -17.98
CA PHE A 344 -1.46 14.76 -17.68
C PHE A 344 -1.44 13.78 -18.85
N PRO A 345 -0.36 13.70 -19.62
CA PRO A 345 -0.37 12.85 -20.82
C PRO A 345 -0.83 11.44 -20.49
N ASP A 346 -1.72 10.89 -21.34
CA ASP A 346 -2.30 9.57 -21.16
C ASP A 346 -1.87 8.66 -22.32
N ASP A 347 -0.65 8.85 -22.75
CA ASP A 347 -0.01 8.10 -23.80
C ASP A 347 1.31 7.61 -23.19
N LEU A 348 1.56 6.31 -23.25
CA LEU A 348 2.71 5.77 -22.56
CA LEU A 348 2.73 5.75 -22.56
C LEU A 348 4.03 6.28 -23.15
N ALA A 349 4.10 6.40 -24.48
CA ALA A 349 5.31 6.95 -25.08
C ALA A 349 5.63 8.36 -24.57
N GLN A 350 4.62 9.22 -24.44
CA GLN A 350 4.86 10.59 -23.95
C GLN A 350 5.18 10.58 -22.47
N MET A 351 4.53 9.71 -21.69
CA MET A 351 4.89 9.61 -20.30
C MET A 351 6.37 9.24 -20.13
N ARG A 352 6.86 8.38 -21.02
CA ARG A 352 8.27 8.03 -21.03
C ARG A 352 9.14 9.20 -21.50
N GLU A 353 8.85 9.75 -22.67
CA GLU A 353 9.71 10.77 -23.23
C GLU A 353 9.78 12.02 -22.38
N GLN A 354 8.66 12.40 -21.75
CA GLN A 354 8.62 13.56 -20.87
C GLN A 354 9.11 13.25 -19.47
N GLY A 355 9.51 12.01 -19.18
CA GLY A 355 10.08 11.69 -17.89
C GLY A 355 9.10 11.82 -16.75
N LEU A 356 7.83 11.45 -16.98
CA LEU A 356 6.81 11.60 -15.96
C LEU A 356 6.63 10.37 -15.09
N ALA A 357 6.98 9.20 -15.57
CA ALA A 357 6.78 7.95 -14.90
C ALA A 357 8.02 7.10 -15.03
N TYR A 358 8.16 6.12 -14.14
CA TYR A 358 9.22 5.12 -14.22
C TYR A 358 8.74 3.93 -15.05
N PHE A 359 9.69 3.30 -15.74
CA PHE A 359 9.42 2.20 -16.67
C PHE A 359 10.34 1.04 -16.40
N ARG A 360 9.90 -0.13 -16.84
CA ARG A 360 10.81 -1.26 -17.05
C ARG A 360 10.83 -1.63 -18.51
N TYR A 361 12.00 -2.04 -18.93
CA TYR A 361 12.34 -2.34 -20.31
C TYR A 361 12.68 -3.81 -20.41
N PHE A 362 12.25 -4.47 -21.50
CA PHE A 362 12.40 -5.90 -21.69
C PHE A 362 12.86 -6.22 -23.11
N ALA A 363 13.77 -7.19 -23.22
CA ALA A 363 14.12 -7.73 -24.52
C ALA A 363 12.94 -8.53 -25.07
N THR A 364 12.60 -8.30 -26.31
CA THR A 364 11.55 -9.05 -26.97
C THR A 364 12.10 -10.29 -27.64
N GLU A 365 11.17 -11.16 -28.05
CA GLU A 365 11.57 -12.32 -28.81
C GLU A 365 12.31 -11.92 -30.09
N LYS A 366 11.78 -10.90 -30.78
CA LYS A 366 12.46 -10.39 -31.97
C LYS A 366 13.86 -9.89 -31.64
N GLY A 367 14.00 -9.14 -30.56
CA GLY A 367 15.31 -8.66 -30.18
C GLY A 367 16.25 -9.78 -29.87
N LEU A 368 15.79 -10.77 -29.09
CA LEU A 368 16.67 -11.86 -28.73
C LEU A 368 17.14 -12.60 -29.96
N ALA A 369 16.26 -12.81 -30.93
CA ALA A 369 16.66 -13.54 -32.12
C ALA A 369 17.68 -12.79 -32.96
N ALA A 370 17.76 -11.46 -32.82
CA ALA A 370 18.69 -10.62 -33.54
C ALA A 370 19.93 -10.26 -32.73
N ARG A 371 20.16 -10.88 -31.56
CA ARG A 371 21.18 -10.40 -30.63
C ARG A 371 22.60 -10.54 -31.15
N ASP A 372 22.84 -11.34 -32.19
CA ASP A 372 24.19 -11.48 -32.74
C ASP A 372 24.37 -10.65 -34.00
N GLN A 373 23.42 -9.80 -34.33
CA GLN A 373 23.56 -9.01 -35.53
C GLN A 373 24.28 -7.70 -35.27
N GLU A 374 25.19 -7.35 -36.17
CA GLU A 374 25.54 -5.95 -36.27
C GLU A 374 24.47 -5.21 -37.06
N GLY A 375 24.65 -3.93 -37.16
CA GLY A 375 23.74 -3.16 -37.92
C GLY A 375 22.45 -2.88 -37.20
N ARG A 376 22.29 -3.26 -35.93
CA ARG A 376 21.09 -2.94 -35.20
C ARG A 376 21.03 -1.47 -34.83
N PRO A 377 19.83 -0.96 -34.53
CA PRO A 377 19.71 0.43 -34.06
C PRO A 377 20.65 0.69 -32.90
N THR A 378 21.21 1.92 -32.87
CA THR A 378 22.24 2.32 -31.94
C THR A 378 21.70 3.03 -30.69
N THR A 379 20.38 3.13 -30.55
CA THR A 379 19.77 3.87 -29.46
C THR A 379 18.63 3.07 -28.87
N LEU A 380 18.28 3.42 -27.65
CA LEU A 380 17.13 2.80 -26.99
C LEU A 380 15.85 3.02 -27.78
N GLN A 381 15.62 4.27 -28.22
CA GLN A 381 14.43 4.54 -28.99
C GLN A 381 14.43 3.74 -30.29
N GLY A 382 15.57 3.61 -30.93
CA GLY A 382 15.62 2.87 -32.17
C GLY A 382 15.32 1.39 -31.98
N LEU A 383 15.79 0.81 -30.87
CA LEU A 383 15.48 -0.57 -30.56
C LEU A 383 14.00 -0.75 -30.23
N ILE A 384 13.41 0.21 -29.52
CA ILE A 384 11.97 0.17 -29.27
C ILE A 384 11.22 0.25 -30.60
N ASP A 385 11.60 1.20 -31.45
CA ASP A 385 10.88 1.38 -32.71
C ASP A 385 10.96 0.14 -33.60
N ALA A 386 12.08 -0.55 -33.57
CA ALA A 386 12.26 -1.78 -34.37
C ALA A 386 11.69 -3.01 -33.70
N GLY A 387 11.10 -2.87 -32.50
CA GLY A 387 10.48 -4.02 -31.86
C GLY A 387 11.43 -4.94 -31.13
N HIS A 388 12.66 -4.48 -30.83
CA HIS A 388 13.62 -5.30 -30.08
C HIS A 388 13.50 -5.16 -28.59
N VAL A 389 12.95 -4.05 -28.12
CA VAL A 389 12.77 -3.71 -26.71
C VAL A 389 11.32 -3.29 -26.52
N HIS A 390 10.69 -3.77 -25.46
CA HIS A 390 9.34 -3.38 -25.09
C HIS A 390 9.39 -2.75 -23.70
N PHE A 391 8.58 -1.71 -23.48
CA PHE A 391 8.51 -1.07 -22.17
C PHE A 391 7.10 -1.06 -21.62
N GLU A 392 7.02 -1.12 -20.30
CA GLU A 392 5.77 -0.93 -19.57
C GLU A 392 6.06 -0.07 -18.36
N ALA A 393 5.04 0.63 -17.87
CA ALA A 393 5.26 1.38 -16.65
C ALA A 393 5.58 0.47 -15.47
N LEU A 394 6.40 1.00 -14.58
CA LEU A 394 6.71 0.35 -13.31
C LEU A 394 5.58 0.59 -12.33
N VAL A 395 5.02 -0.48 -11.77
CA VAL A 395 3.86 -0.34 -10.88
C VAL A 395 4.23 0.38 -9.60
N TYR A 396 3.32 1.23 -9.16
CA TYR A 396 3.45 1.97 -7.91
C TYR A 396 3.17 1.06 -6.74
N GLU A 397 4.08 1.05 -5.77
CA GLU A 397 4.03 0.19 -4.60
C GLU A 397 3.67 0.91 -3.33
N ASP A 398 3.52 2.24 -3.38
CA ASP A 398 3.33 3.08 -2.19
C ASP A 398 1.90 3.62 -2.15
N PHE A 399 1.71 4.78 -1.54
CA PHE A 399 0.37 5.26 -1.21
C PHE A 399 0.22 6.71 -1.67
N LEU A 400 -1.03 7.17 -1.73
CA LEU A 400 -1.25 8.53 -2.19
C LEU A 400 -0.58 9.54 -1.25
N PRO A 401 0.02 10.59 -1.80
CA PRO A 401 0.64 11.58 -0.92
C PRO A 401 -0.39 12.37 -0.15
N VAL A 402 0.04 12.86 1.02
CA VAL A 402 -0.76 13.81 1.77
C VAL A 402 -0.73 15.15 1.02
N SER A 403 -1.89 15.79 0.89
CA SER A 403 -1.93 17.13 0.32
C SER A 403 -0.94 18.04 1.03
N ALA A 404 -0.20 18.82 0.24
CA ALA A 404 0.83 19.72 0.78
C ALA A 404 0.40 21.18 0.63
N SER A 422 11.01 22.33 9.19
CA SER A 422 10.26 21.73 8.08
C SER A 422 10.24 20.21 8.22
N ASN A 423 11.40 19.64 8.55
CA ASN A 423 11.54 18.20 8.63
C ASN A 423 11.45 17.67 10.05
N ALA A 424 11.02 18.49 11.02
CA ALA A 424 10.94 18.05 12.40
C ALA A 424 10.06 16.82 12.56
N ASN A 425 8.92 16.78 11.88
CA ASN A 425 8.03 15.64 12.04
C ASN A 425 8.67 14.36 11.50
N ARG A 426 9.27 14.41 10.30
CA ARG A 426 9.90 13.21 9.77
C ARG A 426 11.05 12.76 10.68
N GLU A 427 11.82 13.71 11.20
CA GLU A 427 12.92 13.36 12.10
C GLU A 427 12.39 12.70 13.37
N ALA A 428 11.29 13.21 13.92
CA ALA A 428 10.68 12.59 15.08
C ALA A 428 10.20 11.18 14.74
N PHE A 429 9.59 11.01 13.56
CA PHE A 429 9.13 9.69 13.16
C PHE A 429 10.31 8.73 13.08
N GLU A 430 11.41 9.17 12.44
CA GLU A 430 12.56 8.28 12.26
C GLU A 430 13.26 7.96 13.58
N ALA A 431 13.26 8.89 14.52
CA ALA A 431 13.81 8.59 15.83
C ALA A 431 13.01 7.51 16.51
N ALA A 432 11.68 7.58 16.40
CA ALA A 432 10.81 6.56 16.98
C ALA A 432 10.99 5.21 16.28
N LEU A 433 11.10 5.24 14.96
CA LEU A 433 11.23 4.04 14.15
C LEU A 433 12.54 3.31 14.39
N GLY A 434 13.60 4.07 14.65
CA GLY A 434 14.88 3.45 14.83
C GLY A 434 15.70 3.36 13.57
N LEU A 435 15.21 3.88 12.46
CA LEU A 435 15.99 4.01 11.23
C LEU A 435 15.32 5.04 10.34
N GLN A 436 16.00 5.36 9.23
CA GLN A 436 15.44 6.29 8.26
C GLN A 436 14.52 5.56 7.29
N VAL A 437 13.44 6.23 6.87
CA VAL A 437 12.58 5.64 5.85
C VAL A 437 13.31 5.70 4.51
N GLN A 438 13.06 4.71 3.67
CA GLN A 438 13.64 4.68 2.34
CA GLN A 438 13.65 4.69 2.34
C GLN A 438 12.89 5.64 1.43
N ASP A 439 13.62 6.18 0.44
CA ASP A 439 13.04 7.07 -0.57
C ASP A 439 12.52 6.20 -1.71
N GLU A 440 11.18 6.15 -1.83
CA GLU A 440 10.57 5.32 -2.86
C GLU A 440 11.00 5.71 -4.25
N LEU A 441 11.17 7.02 -4.51
CA LEU A 441 11.57 7.42 -5.87
C LEU A 441 12.95 6.88 -6.24
N ALA A 442 13.89 6.87 -5.30
CA ALA A 442 15.20 6.28 -5.55
C ALA A 442 15.07 4.79 -5.82
N LEU A 443 14.17 4.11 -5.10
CA LEU A 443 13.97 2.68 -5.32
C LEU A 443 13.39 2.43 -6.71
N TYR A 444 12.45 3.26 -7.16
CA TYR A 444 11.89 3.09 -8.49
C TYR A 444 12.94 3.34 -9.56
N ALA A 445 13.76 4.36 -9.38
CA ALA A 445 14.83 4.62 -10.33
C ALA A 445 15.76 3.43 -10.44
N GLN A 446 16.03 2.79 -9.32
CA GLN A 446 16.89 1.60 -9.34
C GLN A 446 16.25 0.44 -10.08
N SER A 447 14.96 0.22 -9.90
CA SER A 447 14.31 -0.84 -10.66
CA SER A 447 14.24 -0.82 -10.65
C SER A 447 14.33 -0.58 -12.15
N GLU A 448 14.09 0.69 -12.57
CA GLU A 448 14.19 1.01 -13.99
CA GLU A 448 14.18 1.01 -13.99
C GLU A 448 15.59 0.72 -14.51
N ARG A 449 16.62 1.14 -13.77
CA ARG A 449 17.98 0.92 -14.21
C ARG A 449 18.31 -0.56 -14.31
N ARG A 450 17.92 -1.36 -13.32
CA ARG A 450 18.19 -2.78 -13.38
C ARG A 450 17.56 -3.38 -14.62
N SER A 451 16.34 -2.93 -15.00
CA SER A 451 15.71 -3.51 -16.17
C SER A 451 16.51 -3.19 -17.42
N LEU A 452 17.03 -1.97 -17.53
CA LEU A 452 17.79 -1.60 -18.71
C LEU A 452 19.09 -2.40 -18.78
N GLN A 453 19.72 -2.61 -17.64
CA GLN A 453 20.96 -3.40 -17.63
C GLN A 453 20.69 -4.83 -18.04
N ALA A 454 19.61 -5.42 -17.54
CA ALA A 454 19.26 -6.78 -17.91
C ALA A 454 18.93 -6.88 -19.39
N CYS A 455 18.25 -5.88 -19.92
CA CYS A 455 17.90 -5.88 -21.32
C CYS A 455 19.15 -5.79 -22.18
N ALA A 456 20.10 -4.94 -21.77
CA ALA A 456 21.34 -4.84 -22.53
C ALA A 456 22.09 -6.16 -22.56
N GLN A 457 22.18 -6.85 -21.43
CA GLN A 457 22.82 -8.16 -21.42
C GLN A 457 22.09 -9.14 -22.29
N ALA A 458 20.75 -9.17 -22.20
CA ALA A 458 19.99 -10.13 -22.98
C ALA A 458 20.16 -9.88 -24.47
N LEU A 459 20.32 -8.62 -24.88
CA LEU A 459 20.45 -8.28 -26.28
C LEU A 459 21.87 -8.18 -26.74
N ASN A 460 22.83 -8.55 -25.88
CA ASN A 460 24.20 -8.57 -26.27
C ASN A 460 24.64 -7.18 -26.73
N LEU A 461 24.23 -6.17 -25.93
CA LEU A 461 24.65 -4.77 -26.05
C LEU A 461 25.54 -4.37 -24.86
NI NI B . -5.21 1.51 2.65
#